data_6S9K
#
_entry.id   6S9K
#
_cell.length_a   59.790
_cell.length_b   78.230
_cell.length_c   122.500
_cell.angle_alpha   90.00
_cell.angle_beta   90.00
_cell.angle_gamma   90.00
#
_symmetry.space_group_name_H-M   'I 2 2 2'
#
loop_
_entity.id
_entity.type
_entity.pdbx_description
1 polymer '14-3-3 protein gamma'
2 polymer Caspase-2
3 non-polymer 1,1,1,3,3,3-hexafluoropropan-2-ol
4 water water
#
loop_
_entity_poly.entity_id
_entity_poly.type
_entity_poly.pdbx_seq_one_letter_code
_entity_poly.pdbx_strand_id
1 'polypeptide(L)'
;MVDREQLVQKARLAEQAERYDDMAAAMKNVTELNEPLSNEERNLLSVAYKNVVGARRSSWRVISSIEQKTSADGNEKKIE
MVRAYREKIEKELEAVCQDVLSLLDNYLIKNCSETQYESKVFYLKMKGDYYRYLAEVATGEKRATVVESSEKAYSEAHEI
SKEHMQPTHPIRLGLALNYSVFYYEIQNAPEQACHLAKTAFDDAIAELDTLNEDSYKDSTLIMQLLRDNLTLWT
;
A
2 'polypeptide(L)' DYDL(SEP)LPFPVCESCPLYKKLRLSTDTVEH(SEP)LDNK B
#
loop_
_chem_comp.id
_chem_comp.type
_chem_comp.name
_chem_comp.formula
CFH non-polymer 1,1,1,3,3,3-hexafluoropropan-2-ol 'C3 H2 F6 O'
#
# COMPACT_ATOMS: atom_id res chain seq x y z
N VAL A 2 24.55 0.82 -17.03
CA VAL A 2 23.12 0.55 -17.10
C VAL A 2 22.35 1.86 -17.13
N ASP A 3 21.39 1.96 -18.05
CA ASP A 3 20.54 3.14 -18.14
C ASP A 3 19.15 2.83 -17.59
N ARG A 4 18.30 3.86 -17.57
CA ARG A 4 17.00 3.75 -16.94
C ARG A 4 16.16 2.65 -17.58
N GLU A 5 16.20 2.56 -18.92
CA GLU A 5 15.42 1.55 -19.61
C GLU A 5 15.83 0.14 -19.18
N GLN A 6 17.13 -0.08 -18.98
CA GLN A 6 17.58 -1.41 -18.56
C GLN A 6 17.20 -1.71 -17.12
N LEU A 7 17.17 -0.68 -16.26
CA LEU A 7 16.76 -0.91 -14.88
C LEU A 7 15.29 -1.30 -14.79
N VAL A 8 14.44 -0.64 -15.58
CA VAL A 8 13.03 -1.00 -15.58
C VAL A 8 12.83 -2.39 -16.17
N GLN A 9 13.58 -2.73 -17.23
CA GLN A 9 13.50 -4.09 -17.76
C GLN A 9 13.93 -5.11 -16.72
N LYS A 10 14.96 -4.79 -15.94
CA LYS A 10 15.40 -5.69 -14.88
C LYS A 10 14.29 -5.88 -13.85
N ALA A 11 13.61 -4.80 -13.49
CA ALA A 11 12.49 -4.91 -12.55
C ALA A 11 11.40 -5.82 -13.11
N ARG A 12 11.09 -5.69 -14.40
CA ARG A 12 10.05 -6.54 -14.98
C ARG A 12 10.48 -8.00 -14.97
N LEU A 13 11.75 -8.26 -15.27
CA LEU A 13 12.26 -9.63 -15.27
C LEU A 13 12.26 -10.20 -13.86
N ALA A 14 12.72 -9.40 -12.89
CA ALA A 14 12.74 -9.84 -11.50
C ALA A 14 11.34 -10.18 -11.01
N GLU A 15 10.35 -9.39 -11.42
CA GLU A 15 8.97 -9.70 -11.04
C GLU A 15 8.55 -11.06 -11.59
N GLN A 16 8.84 -11.33 -12.85
CA GLN A 16 8.46 -12.61 -13.46
C GLN A 16 9.15 -13.76 -12.75
N ALA A 17 10.39 -13.57 -12.31
CA ALA A 17 11.15 -14.59 -11.60
C ALA A 17 10.83 -14.65 -10.10
N GLU A 18 9.89 -13.81 -9.64
CA GLU A 18 9.52 -13.72 -8.22
C GLU A 18 10.73 -13.43 -7.35
N ARG A 19 11.61 -12.54 -7.82
CA ARG A 19 12.76 -12.08 -7.06
C ARG A 19 12.49 -10.62 -6.71
N TYR A 20 11.73 -10.43 -5.62
CA TYR A 20 11.23 -9.09 -5.35
C TYR A 20 12.27 -8.19 -4.69
N ASP A 21 13.25 -8.77 -3.99
CA ASP A 21 14.38 -7.96 -3.53
C ASP A 21 15.09 -7.32 -4.70
N ASP A 22 15.36 -8.10 -5.75
CA ASP A 22 15.96 -7.55 -6.96
C ASP A 22 15.07 -6.50 -7.59
N MET A 23 13.77 -6.78 -7.66
CA MET A 23 12.83 -5.82 -8.26
C MET A 23 12.84 -4.50 -7.51
N ALA A 24 12.81 -4.56 -6.18
CA ALA A 24 12.81 -3.33 -5.39
C ALA A 24 14.11 -2.57 -5.55
N ALA A 25 15.25 -3.28 -5.57
CA ALA A 25 16.52 -2.60 -5.75
C ALA A 25 16.59 -1.90 -7.09
N ALA A 26 16.05 -2.55 -8.13
CA ALA A 26 16.03 -1.93 -9.46
C ALA A 26 15.19 -0.65 -9.45
N MET A 27 13.99 -0.72 -8.86
CA MET A 27 13.13 0.45 -8.88
C MET A 27 13.60 1.53 -7.91
N LYS A 28 14.29 1.15 -6.84
CA LYS A 28 14.95 2.14 -6.01
C LYS A 28 16.02 2.87 -6.81
N ASN A 29 16.79 2.14 -7.61
CA ASN A 29 17.79 2.80 -8.45
C ASN A 29 17.14 3.75 -9.44
N VAL A 30 15.99 3.35 -10.02
CA VAL A 30 15.29 4.22 -10.95
C VAL A 30 14.86 5.51 -10.26
N THR A 31 14.27 5.38 -9.07
CA THR A 31 13.85 6.55 -8.31
C THR A 31 15.03 7.47 -8.01
N GLU A 32 16.18 6.89 -7.69
CA GLU A 32 17.36 7.67 -7.34
C GLU A 32 18.04 8.32 -8.53
N LEU A 33 17.56 8.07 -9.75
CA LEU A 33 17.96 8.91 -10.88
C LEU A 33 17.42 10.32 -10.75
N ASN A 34 16.52 10.56 -9.80
CA ASN A 34 16.07 11.88 -9.39
C ASN A 34 15.19 12.54 -10.45
N GLU A 35 14.45 11.74 -11.20
CA GLU A 35 13.45 12.19 -12.15
C GLU A 35 12.11 11.56 -11.78
N PRO A 36 11.00 12.14 -12.25
CA PRO A 36 9.69 11.56 -11.90
C PRO A 36 9.53 10.16 -12.45
N LEU A 37 8.59 9.43 -11.88
CA LEU A 37 8.28 8.09 -12.32
C LEU A 37 7.05 8.11 -13.23
N SER A 38 7.12 7.35 -14.31
CA SER A 38 5.94 7.12 -15.14
C SER A 38 4.92 6.29 -14.36
N ASN A 39 3.71 6.19 -14.90
CA ASN A 39 2.71 5.37 -14.25
C ASN A 39 3.17 3.93 -14.12
N GLU A 40 3.85 3.40 -15.14
CA GLU A 40 4.33 2.02 -15.06
C GLU A 40 5.44 1.88 -14.04
N GLU A 41 6.36 2.85 -14.00
CA GLU A 41 7.44 2.80 -13.02
C GLU A 41 6.89 2.91 -11.60
N ARG A 42 5.88 3.76 -11.40
CA ARG A 42 5.20 3.87 -10.10
C ARG A 42 4.65 2.53 -9.66
N ASN A 43 3.96 1.84 -10.57
CA ASN A 43 3.36 0.55 -10.22
C ASN A 43 4.43 -0.50 -9.96
N LEU A 44 5.51 -0.49 -10.75
CA LEU A 44 6.58 -1.45 -10.52
C LEU A 44 7.23 -1.24 -9.15
N LEU A 45 7.48 0.02 -8.79
CA LEU A 45 8.04 0.32 -7.47
C LEU A 45 7.10 -0.15 -6.36
N SER A 46 5.80 0.12 -6.51
CA SER A 46 4.84 -0.26 -5.48
C SER A 46 4.74 -1.78 -5.36
N VAL A 47 4.65 -2.49 -6.49
CA VAL A 47 4.55 -3.95 -6.45
C VAL A 47 5.78 -4.55 -5.80
N ALA A 48 6.96 -4.03 -6.17
CA ALA A 48 8.21 -4.54 -5.62
C ALA A 48 8.21 -4.46 -4.10
N TYR A 49 8.00 -3.26 -3.56
CA TYR A 49 8.10 -3.10 -2.12
C TYR A 49 6.93 -3.74 -1.39
N LYS A 50 5.75 -3.79 -2.02
CA LYS A 50 4.62 -4.47 -1.39
C LYS A 50 4.94 -5.94 -1.17
N ASN A 51 5.63 -6.57 -2.12
CA ASN A 51 5.96 -7.98 -1.99
C ASN A 51 7.13 -8.21 -1.04
N VAL A 52 8.10 -7.29 -1.03
CA VAL A 52 9.20 -7.39 -0.07
C VAL A 52 8.67 -7.27 1.35
N VAL A 53 7.91 -6.21 1.63
CA VAL A 53 7.40 -6.02 2.98
C VAL A 53 6.39 -7.11 3.32
N GLY A 54 5.64 -7.58 2.33
CA GLY A 54 4.63 -8.58 2.59
C GLY A 54 5.21 -9.90 3.06
N ALA A 55 6.36 -10.29 2.51
CA ALA A 55 7.03 -11.48 3.01
C ALA A 55 7.42 -11.32 4.47
N ARG A 56 7.90 -10.12 4.83
CA ARG A 56 8.27 -9.89 6.22
C ARG A 56 7.05 -9.86 7.12
N ARG A 57 5.95 -9.24 6.64
CA ARG A 57 4.71 -9.23 7.42
C ARG A 57 4.22 -10.64 7.69
N SER A 58 4.23 -11.49 6.64
CA SER A 58 3.76 -12.86 6.79
C SER A 58 4.63 -13.63 7.78
N SER A 59 5.95 -13.49 7.66
CA SER A 59 6.86 -14.17 8.58
C SER A 59 6.68 -13.66 10.00
N TRP A 60 6.52 -12.35 10.16
CA TRP A 60 6.35 -11.77 11.49
C TRP A 60 5.09 -12.31 12.17
N ARG A 61 4.01 -12.48 11.41
CA ARG A 61 2.78 -12.99 12.00
C ARG A 61 2.94 -14.45 12.43
N VAL A 62 3.70 -15.23 11.66
CA VAL A 62 3.93 -16.62 12.02
C VAL A 62 4.76 -16.71 13.29
N ILE A 63 5.85 -15.94 13.37
CA ILE A 63 6.73 -16.02 14.54
C ILE A 63 6.05 -15.42 15.76
N SER A 64 5.26 -14.36 15.56
CA SER A 64 4.53 -13.77 16.69
C SER A 64 3.51 -14.73 17.26
N SER A 65 2.85 -15.50 16.39
CA SER A 65 1.89 -16.49 16.88
C SER A 65 2.59 -17.62 17.62
N ILE A 66 3.80 -17.98 17.19
CA ILE A 66 4.58 -18.98 17.90
C ILE A 66 5.06 -18.43 19.23
N GLU A 67 5.41 -17.14 19.28
CA GLU A 67 5.84 -16.53 20.53
C GLU A 67 4.74 -16.50 21.57
N GLN A 68 3.48 -16.32 21.12
CA GLN A 68 2.36 -16.34 22.06
C GLN A 68 2.02 -17.74 22.52
N LYS A 69 2.19 -18.75 21.66
CA LYS A 69 1.84 -20.12 22.01
C LYS A 69 2.91 -20.82 22.82
N THR A 70 4.10 -20.23 22.96
CA THR A 70 5.16 -20.85 23.75
C THR A 70 5.57 -19.94 24.90
N GLU A 76 13.03 -20.96 28.31
CA GLU A 76 14.38 -20.62 28.75
C GLU A 76 15.17 -20.01 27.60
N LYS A 77 16.09 -20.80 27.03
CA LYS A 77 16.77 -20.37 25.82
C LYS A 77 15.86 -20.46 24.60
N LYS A 78 14.72 -21.15 24.72
CA LYS A 78 13.79 -21.28 23.61
C LYS A 78 13.03 -19.98 23.36
N ILE A 79 12.34 -19.48 24.39
CA ILE A 79 11.59 -18.23 24.26
C ILE A 79 12.54 -17.07 23.95
N GLU A 80 13.77 -17.13 24.45
CA GLU A 80 14.76 -16.11 24.13
C GLU A 80 15.06 -16.11 22.63
N MET A 81 15.10 -17.30 22.01
CA MET A 81 15.38 -17.38 20.58
C MET A 81 14.16 -16.97 19.76
N VAL A 82 12.96 -17.34 20.20
CA VAL A 82 11.76 -16.96 19.46
C VAL A 82 11.58 -15.45 19.47
N ARG A 83 11.76 -14.83 20.64
CA ARG A 83 11.64 -13.38 20.73
C ARG A 83 12.74 -12.69 19.92
N ALA A 84 13.97 -13.20 20.00
CA ALA A 84 15.07 -12.62 19.23
C ALA A 84 14.81 -12.74 17.74
N TYR A 85 14.27 -13.89 17.30
CA TYR A 85 13.99 -14.06 15.88
C TYR A 85 12.86 -13.14 15.43
N ARG A 86 11.80 -13.02 16.23
CA ARG A 86 10.76 -12.05 15.93
C ARG A 86 11.35 -10.65 15.79
N GLU A 87 12.23 -10.26 16.72
CA GLU A 87 12.84 -8.94 16.68
C GLU A 87 13.71 -8.77 15.44
N LYS A 88 14.39 -9.84 15.03
CA LYS A 88 15.17 -9.77 13.79
C LYS A 88 14.28 -9.46 12.60
N ILE A 89 13.17 -10.21 12.47
CA ILE A 89 12.23 -9.97 11.38
C ILE A 89 11.62 -8.57 11.50
N GLU A 90 11.30 -8.14 12.72
CA GLU A 90 10.77 -6.80 12.93
C GLU A 90 11.71 -5.73 12.39
N LYS A 91 13.00 -5.84 12.72
CA LYS A 91 13.96 -4.84 12.26
C LYS A 91 14.08 -4.84 10.74
N GLU A 92 14.00 -6.03 10.12
CA GLU A 92 14.01 -6.09 8.66
C GLU A 92 12.79 -5.39 8.08
N LEU A 93 11.62 -5.69 8.64
CA LEU A 93 10.39 -5.04 8.18
C LEU A 93 10.49 -3.53 8.31
N GLU A 94 10.96 -3.06 9.47
CA GLU A 94 11.06 -1.63 9.67
C GLU A 94 12.05 -1.01 8.70
N ALA A 95 13.15 -1.71 8.39
CA ALA A 95 14.13 -1.19 7.45
C ALA A 95 13.55 -1.04 6.05
N VAL A 96 12.74 -2.02 5.63
CA VAL A 96 12.07 -1.92 4.32
C VAL A 96 11.14 -0.71 4.30
N CYS A 97 10.32 -0.57 5.35
CA CYS A 97 9.38 0.55 5.39
C CYS A 97 10.12 1.88 5.38
N GLN A 98 11.19 2.01 6.17
CA GLN A 98 11.92 3.28 6.17
C GLN A 98 12.59 3.55 4.83
N ASP A 99 13.01 2.49 4.14
CA ASP A 99 13.52 2.65 2.78
C ASP A 99 12.48 3.28 1.87
N VAL A 100 11.28 2.68 1.81
CA VAL A 100 10.18 3.21 1.02
C VAL A 100 9.85 4.64 1.41
N LEU A 101 9.72 4.89 2.71
CA LEU A 101 9.30 6.21 3.18
C LEU A 101 10.33 7.26 2.82
N SER A 102 11.61 6.89 2.84
CA SER A 102 12.66 7.81 2.40
C SER A 102 12.53 8.13 0.91
N LEU A 103 12.24 7.12 0.10
CA LEU A 103 12.02 7.38 -1.33
C LEU A 103 10.82 8.31 -1.53
N LEU A 104 9.75 8.09 -0.77
CA LEU A 104 8.56 8.92 -0.90
C LEU A 104 8.83 10.35 -0.45
N ASP A 105 9.45 10.52 0.72
CA ASP A 105 9.59 11.85 1.29
C ASP A 105 10.65 12.67 0.58
N ASN A 106 11.72 12.03 0.11
CA ASN A 106 12.85 12.78 -0.41
C ASN A 106 12.89 12.83 -1.93
N TYR A 107 12.12 11.99 -2.63
CA TYR A 107 12.08 12.06 -4.09
C TYR A 107 10.67 12.24 -4.64
N LEU A 108 9.78 11.32 -4.28
CA LEU A 108 8.56 11.15 -5.06
C LEU A 108 7.51 12.18 -4.71
N ILE A 109 7.21 12.32 -3.42
CA ILE A 109 6.32 13.40 -2.98
C ILE A 109 7.03 14.74 -3.15
N LYS A 110 8.32 14.78 -2.85
CA LYS A 110 9.06 16.04 -2.83
C LYS A 110 8.98 16.76 -4.17
N ASN A 111 9.08 16.03 -5.27
CA ASN A 111 9.20 16.63 -6.59
C ASN A 111 7.95 16.45 -7.44
N CYS A 112 6.79 16.22 -6.81
CA CYS A 112 5.52 16.21 -7.54
C CYS A 112 5.15 17.62 -7.98
N SER A 113 4.74 17.75 -9.25
CA SER A 113 4.27 19.03 -9.75
C SER A 113 2.93 19.38 -9.11
N GLU A 114 2.52 20.63 -9.32
CA GLU A 114 1.27 21.11 -8.71
C GLU A 114 0.06 20.41 -9.31
N THR A 115 0.10 20.10 -10.60
CA THR A 115 -1.04 19.52 -11.29
C THR A 115 -1.05 18.00 -11.28
N GLN A 116 -0.07 17.37 -10.64
CA GLN A 116 0.01 15.91 -10.62
C GLN A 116 -0.71 15.36 -9.38
N TYR A 117 -2.02 15.58 -9.36
CA TYR A 117 -2.82 15.19 -8.22
C TYR A 117 -2.89 13.66 -8.07
N GLU A 118 -2.97 12.94 -9.20
CA GLU A 118 -3.03 11.49 -9.13
C GLU A 118 -1.75 10.92 -8.53
N SER A 119 -0.59 11.48 -8.91
CA SER A 119 0.67 11.00 -8.34
C SER A 119 0.76 11.32 -6.86
N LYS A 120 0.34 12.53 -6.47
CA LYS A 120 0.38 12.91 -5.06
C LYS A 120 -0.49 11.98 -4.22
N VAL A 121 -1.69 11.67 -4.69
CA VAL A 121 -2.55 10.75 -3.95
C VAL A 121 -1.92 9.36 -3.89
N PHE A 122 -1.36 8.90 -5.01
CA PHE A 122 -0.74 7.58 -5.05
C PHE A 122 0.39 7.48 -4.02
N TYR A 123 1.25 8.50 -4.00
CA TYR A 123 2.41 8.48 -3.11
C TYR A 123 2.00 8.69 -1.66
N LEU A 124 1.04 9.60 -1.40
CA LEU A 124 0.58 9.80 -0.03
C LEU A 124 -0.13 8.57 0.50
N LYS A 125 -0.87 7.87 -0.36
CA LYS A 125 -1.46 6.60 0.06
C LYS A 125 -0.37 5.60 0.43
N MET A 126 0.67 5.48 -0.42
CA MET A 126 1.78 4.60 -0.10
C MET A 126 2.40 4.97 1.24
N LYS A 127 2.60 6.26 1.47
CA LYS A 127 3.16 6.69 2.75
C LYS A 127 2.27 6.24 3.91
N GLY A 128 0.95 6.40 3.76
CA GLY A 128 0.06 5.91 4.79
C GLY A 128 0.17 4.41 4.98
N ASP A 129 0.28 3.67 3.87
CA ASP A 129 0.40 2.21 3.94
C ASP A 129 1.62 1.79 4.73
N TYR A 130 2.79 2.37 4.41
CA TYR A 130 4.01 1.86 5.03
C TYR A 130 4.12 2.30 6.49
N TYR A 131 3.56 3.46 6.86
CA TYR A 131 3.46 3.77 8.29
C TYR A 131 2.49 2.82 8.97
N ARG A 132 1.44 2.39 8.27
CA ARG A 132 0.53 1.41 8.84
C ARG A 132 1.22 0.08 9.07
N TYR A 133 2.10 -0.34 8.15
CA TYR A 133 2.83 -1.59 8.37
C TYR A 133 3.78 -1.45 9.56
N LEU A 134 4.40 -0.29 9.72
CA LEU A 134 5.18 -0.03 10.93
C LEU A 134 4.31 -0.13 12.18
N ALA A 135 3.09 0.41 12.11
CA ALA A 135 2.20 0.40 13.28
C ALA A 135 1.81 -1.02 13.66
N GLU A 136 1.73 -1.93 12.69
CA GLU A 136 1.36 -3.31 12.99
C GLU A 136 2.34 -3.97 13.95
N VAL A 137 3.61 -3.58 13.93
CA VAL A 137 4.63 -4.21 14.76
C VAL A 137 5.15 -3.31 15.86
N ALA A 138 4.76 -2.03 15.88
CA ALA A 138 5.28 -1.09 16.86
C ALA A 138 4.49 -1.14 18.16
N THR A 139 5.14 -0.73 19.24
CA THR A 139 4.51 -0.65 20.55
C THR A 139 4.84 0.68 21.20
N GLY A 140 4.02 1.04 22.19
CA GLY A 140 4.31 2.18 23.03
C GLY A 140 4.32 3.49 22.27
N GLU A 141 5.26 4.37 22.65
CA GLU A 141 5.36 5.69 22.02
C GLU A 141 5.75 5.57 20.56
N LYS A 142 6.55 4.56 20.20
CA LYS A 142 6.91 4.38 18.79
C LYS A 142 5.66 4.13 17.95
N ARG A 143 4.73 3.31 18.47
CA ARG A 143 3.50 3.04 17.73
C ARG A 143 2.66 4.30 17.57
N ALA A 144 2.53 5.10 18.63
CA ALA A 144 1.73 6.31 18.53
C ALA A 144 2.27 7.25 17.47
N THR A 145 3.60 7.31 17.31
CA THR A 145 4.20 8.20 16.34
C THR A 145 3.88 7.76 14.91
N VAL A 146 4.04 6.46 14.63
CA VAL A 146 3.79 5.99 13.26
C VAL A 146 2.30 5.95 12.96
N VAL A 147 1.46 5.68 13.96
CA VAL A 147 0.01 5.77 13.74
C VAL A 147 -0.38 7.19 13.35
N GLU A 148 0.18 8.18 14.05
CA GLU A 148 -0.08 9.57 13.69
C GLU A 148 0.39 9.88 12.28
N SER A 149 1.59 9.42 11.93
CA SER A 149 2.11 9.66 10.58
C SER A 149 1.26 8.99 9.52
N SER A 150 0.77 7.78 9.79
CA SER A 150 -0.09 7.10 8.82
C SER A 150 -1.37 7.90 8.59
N GLU A 151 -2.02 8.34 9.67
CA GLU A 151 -3.27 9.09 9.55
C GLU A 151 -3.05 10.40 8.80
N LYS A 152 -1.94 11.09 9.08
CA LYS A 152 -1.65 12.35 8.41
C LYS A 152 -1.51 12.16 6.90
N ALA A 153 -0.85 11.08 6.47
CA ALA A 153 -0.67 10.85 5.04
C ALA A 153 -1.99 10.46 4.37
N TYR A 154 -2.73 9.54 4.99
CA TYR A 154 -4.01 9.11 4.43
C TYR A 154 -4.98 10.29 4.34
N SER A 155 -5.04 11.11 5.39
CA SER A 155 -6.02 12.19 5.41
C SER A 155 -5.70 13.25 4.36
N GLU A 156 -4.41 13.56 4.16
CA GLU A 156 -4.06 14.48 3.10
C GLU A 156 -4.35 13.88 1.72
N ALA A 157 -4.04 12.59 1.53
CA ALA A 157 -4.38 11.94 0.27
C ALA A 157 -5.89 11.98 0.03
N HIS A 158 -6.67 11.77 1.10
CA HIS A 158 -8.12 11.78 1.00
C HIS A 158 -8.64 13.14 0.58
N GLU A 159 -8.11 14.21 1.20
CA GLU A 159 -8.54 15.57 0.85
C GLU A 159 -8.24 15.89 -0.61
N ILE A 160 -7.03 15.54 -1.06
CA ILE A 160 -6.65 15.81 -2.44
C ILE A 160 -7.55 15.01 -3.39
N SER A 161 -7.74 13.72 -3.10
CA SER A 161 -8.54 12.89 -3.99
C SER A 161 -9.99 13.36 -4.02
N LYS A 162 -10.52 13.83 -2.88
CA LYS A 162 -11.87 14.39 -2.85
C LYS A 162 -12.00 15.57 -3.80
N GLU A 163 -10.96 16.41 -3.87
CA GLU A 163 -11.06 17.65 -4.63
C GLU A 163 -10.75 17.46 -6.11
N HIS A 164 -9.84 16.56 -6.46
CA HIS A 164 -9.29 16.54 -7.80
C HIS A 164 -9.52 15.26 -8.59
N MET A 165 -10.13 14.23 -8.00
CA MET A 165 -10.31 12.97 -8.69
C MET A 165 -11.78 12.55 -8.67
N GLN A 166 -12.18 11.85 -9.73
CA GLN A 166 -13.54 11.34 -9.79
C GLN A 166 -13.75 10.26 -8.74
N PRO A 167 -14.96 10.14 -8.19
CA PRO A 167 -15.19 9.12 -7.15
C PRO A 167 -15.00 7.69 -7.65
N THR A 168 -15.02 7.46 -8.95
CA THR A 168 -14.77 6.13 -9.50
C THR A 168 -13.31 5.89 -9.83
N HIS A 169 -12.44 6.89 -9.64
CA HIS A 169 -11.03 6.69 -9.97
C HIS A 169 -10.46 5.59 -9.10
N PRO A 170 -9.79 4.59 -9.68
CA PRO A 170 -9.34 3.45 -8.87
C PRO A 170 -8.34 3.81 -7.79
N ILE A 171 -7.52 4.84 -7.98
CA ILE A 171 -6.60 5.25 -6.91
C ILE A 171 -7.37 5.86 -5.75
N ARG A 172 -8.42 6.62 -6.04
CA ARG A 172 -9.24 7.18 -4.96
C ARG A 172 -9.98 6.08 -4.21
N LEU A 173 -10.50 5.09 -4.93
CA LEU A 173 -11.20 3.98 -4.29
C LEU A 173 -10.24 3.14 -3.47
N GLY A 174 -9.05 2.86 -4.00
CA GLY A 174 -8.09 2.07 -3.26
C GLY A 174 -7.57 2.80 -2.03
N LEU A 175 -7.49 4.13 -2.10
CA LEU A 175 -7.16 4.90 -0.91
C LEU A 175 -8.24 4.72 0.15
N ALA A 176 -9.51 4.85 -0.23
CA ALA A 176 -10.57 4.66 0.75
C ALA A 176 -10.52 3.26 1.34
N LEU A 177 -10.25 2.25 0.50
CA LEU A 177 -10.15 0.88 1.00
C LEU A 177 -9.09 0.78 2.09
N ASN A 178 -7.90 1.32 1.84
CA ASN A 178 -6.81 1.16 2.80
C ASN A 178 -6.96 2.07 4.00
N TYR A 179 -7.48 3.28 3.78
CA TYR A 179 -7.77 4.19 4.88
C TYR A 179 -8.80 3.60 5.82
N SER A 180 -9.85 2.99 5.27
CA SER A 180 -10.83 2.32 6.13
C SER A 180 -10.19 1.18 6.91
N VAL A 181 -9.30 0.41 6.27
CA VAL A 181 -8.61 -0.66 6.98
C VAL A 181 -7.77 -0.09 8.12
N PHE A 182 -7.13 1.06 7.88
CA PHE A 182 -6.38 1.72 8.94
C PHE A 182 -7.27 2.00 10.14
N TYR A 183 -8.46 2.53 9.91
CA TYR A 183 -9.35 2.82 11.03
C TYR A 183 -9.80 1.54 11.72
N TYR A 184 -10.10 0.50 10.94
CA TYR A 184 -10.58 -0.74 11.56
C TYR A 184 -9.48 -1.46 12.34
N GLU A 185 -8.32 -1.67 11.71
CA GLU A 185 -7.29 -2.53 12.28
C GLU A 185 -6.35 -1.79 13.21
N ILE A 186 -5.98 -0.56 12.88
CA ILE A 186 -4.99 0.18 13.67
C ILE A 186 -5.66 0.99 14.76
N GLN A 187 -6.73 1.71 14.41
CA GLN A 187 -7.38 2.61 15.35
C GLN A 187 -8.50 1.95 16.14
N ASN A 188 -8.85 0.71 15.83
CA ASN A 188 -9.95 0.00 16.48
C ASN A 188 -11.21 0.86 16.46
N ALA A 189 -11.51 1.38 15.27
CA ALA A 189 -12.61 2.34 15.07
C ALA A 189 -13.51 1.83 13.96
N PRO A 190 -14.30 0.79 14.22
CA PRO A 190 -15.12 0.20 13.15
C PRO A 190 -16.16 1.14 12.57
N GLU A 191 -16.74 2.02 13.38
CA GLU A 191 -17.72 2.97 12.85
C GLU A 191 -17.08 3.90 11.84
N GLN A 192 -15.89 4.43 12.14
CA GLN A 192 -15.21 5.29 11.19
C GLN A 192 -14.75 4.52 9.96
N ALA A 193 -14.31 3.27 10.15
CA ALA A 193 -13.90 2.45 9.01
C ALA A 193 -15.07 2.21 8.08
N CYS A 194 -16.24 1.86 8.64
CA CYS A 194 -17.40 1.60 7.80
C CYS A 194 -17.88 2.86 7.10
N HIS A 195 -17.83 4.02 7.79
CA HIS A 195 -18.26 5.25 7.14
C HIS A 195 -17.37 5.58 5.94
N LEU A 196 -16.06 5.41 6.09
CA LEU A 196 -15.15 5.70 4.99
C LEU A 196 -15.41 4.78 3.81
N ALA A 197 -15.59 3.49 4.09
CA ALA A 197 -15.80 2.53 3.01
C ALA A 197 -17.15 2.72 2.34
N LYS A 198 -18.19 2.94 3.14
CA LYS A 198 -19.52 3.11 2.57
C LYS A 198 -19.62 4.41 1.77
N THR A 199 -19.06 5.50 2.29
CA THR A 199 -19.07 6.76 1.57
C THR A 199 -18.38 6.63 0.22
N ALA A 200 -17.23 5.97 0.18
CA ALA A 200 -16.52 5.82 -1.08
C ALA A 200 -17.32 4.96 -2.05
N PHE A 201 -17.88 3.85 -1.57
CA PHE A 201 -18.69 3.00 -2.43
C PHE A 201 -19.90 3.77 -2.97
N ASP A 202 -20.60 4.46 -2.07
CA ASP A 202 -21.81 5.19 -2.46
C ASP A 202 -21.48 6.32 -3.44
N ASP A 203 -20.39 7.05 -3.18
CA ASP A 203 -20.01 8.11 -4.09
C ASP A 203 -19.64 7.57 -5.47
N ALA A 204 -19.07 6.38 -5.52
CA ALA A 204 -18.74 5.78 -6.81
C ALA A 204 -19.99 5.34 -7.55
N ILE A 205 -20.91 4.68 -6.84
CA ILE A 205 -22.08 4.15 -7.53
C ILE A 205 -22.99 5.29 -7.98
N ALA A 206 -22.98 6.42 -7.27
CA ALA A 206 -23.77 7.57 -7.69
C ALA A 206 -23.24 8.22 -8.95
N GLU A 207 -21.96 8.03 -9.26
CA GLU A 207 -21.31 8.61 -10.43
C GLU A 207 -20.76 7.51 -11.34
N LEU A 208 -21.54 6.45 -11.53
CA LEU A 208 -21.11 5.35 -12.39
C LEU A 208 -20.77 5.83 -13.80
N ASP A 209 -21.41 6.90 -14.26
CA ASP A 209 -21.15 7.36 -15.62
C ASP A 209 -19.79 8.00 -15.79
N THR A 210 -18.99 8.11 -14.73
CA THR A 210 -17.63 8.63 -14.82
C THR A 210 -16.59 7.52 -15.01
N LEU A 211 -17.01 6.27 -15.12
CA LEU A 211 -16.06 5.18 -15.33
C LEU A 211 -15.29 5.38 -16.63
N ASN A 212 -13.99 5.12 -16.58
CA ASN A 212 -13.09 5.32 -17.70
C ASN A 212 -12.85 4.00 -18.43
N GLU A 213 -12.74 4.07 -19.76
CA GLU A 213 -12.54 2.88 -20.56
C GLU A 213 -11.24 2.15 -20.19
N ASP A 214 -10.24 2.89 -19.69
CA ASP A 214 -8.96 2.28 -19.40
C ASP A 214 -8.85 1.75 -17.98
N SER A 215 -9.83 2.03 -17.11
CA SER A 215 -9.71 1.62 -15.72
C SER A 215 -11.01 1.11 -15.10
N TYR A 216 -12.07 0.89 -15.89
CA TYR A 216 -13.36 0.53 -15.28
C TYR A 216 -13.30 -0.83 -14.59
N LYS A 217 -12.40 -1.72 -15.01
CA LYS A 217 -12.26 -3.01 -14.34
C LYS A 217 -11.71 -2.82 -12.94
N ASP A 218 -10.65 -2.02 -12.80
CA ASP A 218 -10.11 -1.74 -11.47
C ASP A 218 -11.14 -1.02 -10.59
N SER A 219 -11.86 -0.06 -11.16
CA SER A 219 -12.86 0.67 -10.38
C SER A 219 -13.91 -0.29 -9.83
N THR A 220 -14.53 -1.09 -10.71
CA THR A 220 -15.62 -1.94 -10.26
C THR A 220 -15.12 -3.03 -9.30
N LEU A 221 -13.89 -3.51 -9.49
CA LEU A 221 -13.35 -4.52 -8.58
C LEU A 221 -13.10 -3.93 -7.20
N ILE A 222 -12.49 -2.75 -7.13
CA ILE A 222 -12.23 -2.16 -5.82
C ILE A 222 -13.54 -1.81 -5.12
N MET A 223 -14.57 -1.42 -5.88
CA MET A 223 -15.88 -1.23 -5.26
C MET A 223 -16.35 -2.50 -4.58
N GLN A 224 -16.09 -3.65 -5.19
CA GLN A 224 -16.49 -4.92 -4.56
C GLN A 224 -15.67 -5.20 -3.32
N LEU A 225 -14.37 -4.87 -3.34
CA LEU A 225 -13.56 -5.05 -2.14
C LEU A 225 -14.06 -4.18 -1.00
N LEU A 226 -14.50 -2.96 -1.30
CA LEU A 226 -15.08 -2.11 -0.27
C LEU A 226 -16.35 -2.74 0.30
N ARG A 227 -17.22 -3.21 -0.60
CA ARG A 227 -18.45 -3.88 -0.15
C ARG A 227 -18.13 -5.13 0.67
N ASP A 228 -17.11 -5.89 0.26
CA ASP A 228 -16.70 -7.08 1.01
C ASP A 228 -16.37 -6.73 2.46
N ASN A 229 -15.57 -5.67 2.65
CA ASN A 229 -15.18 -5.30 4.01
C ASN A 229 -16.37 -4.81 4.82
N LEU A 230 -17.24 -4.00 4.20
CA LEU A 230 -18.45 -3.54 4.89
C LEU A 230 -19.30 -4.72 5.32
N THR A 231 -19.46 -5.71 4.45
CA THR A 231 -20.20 -6.92 4.80
C THR A 231 -19.55 -7.65 5.97
N LEU A 232 -18.22 -7.75 5.96
CA LEU A 232 -17.53 -8.42 7.06
C LEU A 232 -17.66 -7.65 8.36
N TRP A 233 -17.72 -6.32 8.28
CA TRP A 233 -17.66 -5.46 9.46
C TRP A 233 -19.03 -5.11 10.03
N THR A 234 -20.11 -5.35 9.29
CA THR A 234 -21.45 -5.00 9.76
C THR A 234 -22.28 -6.26 10.02
N ASP B 3 -5.79 -10.29 5.17
CA ASP B 3 -5.55 -8.92 4.73
C ASP B 3 -6.76 -8.36 3.99
N LEU B 4 -7.18 -7.16 4.39
CA LEU B 4 -8.37 -6.51 3.85
C LEU B 4 -8.04 -5.33 2.95
N SEP B 5 -6.75 -5.02 2.84
CA SEP B 5 -6.31 -3.88 2.06
CB SEP B 5 -4.93 -3.43 2.54
OG SEP B 5 -4.04 -4.51 2.32
C SEP B 5 -6.25 -4.23 0.58
O SEP B 5 -6.47 -5.39 0.20
P SEP B 5 -2.59 -4.32 2.98
O1P SEP B 5 -1.97 -2.92 2.49
O2P SEP B 5 -1.74 -5.56 2.43
O3P SEP B 5 -2.70 -4.37 4.58
N LEU B 6 -5.94 -3.24 -0.25
CA LEU B 6 -5.85 -3.42 -1.70
C LEU B 6 -4.79 -4.45 -2.06
N PRO B 7 -5.21 -5.55 -2.68
CA PRO B 7 -4.28 -6.68 -2.90
C PRO B 7 -3.60 -6.75 -4.26
N PHE B 8 -3.88 -5.83 -5.19
CA PHE B 8 -3.31 -5.89 -6.52
C PHE B 8 -2.91 -4.50 -6.98
N PRO B 9 -2.03 -4.41 -7.98
CA PRO B 9 -1.68 -3.09 -8.52
C PRO B 9 -2.76 -2.56 -9.45
N VAL B 10 -2.93 -1.25 -9.43
CA VAL B 10 -3.93 -0.58 -10.25
C VAL B 10 -3.23 -0.21 -11.56
N CYS B 11 -3.27 -1.12 -12.51
CA CYS B 11 -2.73 -0.86 -13.86
C CYS B 11 -3.25 -1.94 -14.79
N GLU B 12 -3.42 -1.56 -16.07
CA GLU B 12 -4.03 -2.46 -17.03
C GLU B 12 -3.08 -3.60 -17.41
N SER B 13 -1.77 -3.39 -17.32
CA SER B 13 -0.83 -4.44 -17.70
C SER B 13 -0.85 -5.64 -16.75
N CYS B 14 -1.56 -5.54 -15.63
CA CYS B 14 -1.78 -6.70 -14.77
C CYS B 14 -3.10 -7.36 -15.14
N PRO B 15 -3.10 -8.62 -15.60
CA PRO B 15 -4.35 -9.23 -16.07
C PRO B 15 -5.39 -9.31 -14.97
N LEU B 16 -6.66 -9.15 -15.37
CA LEU B 16 -7.75 -9.22 -14.42
C LEU B 16 -7.77 -10.54 -13.67
N TYR B 17 -7.47 -11.65 -14.35
CA TYR B 17 -7.44 -12.93 -13.66
C TYR B 17 -6.46 -12.90 -12.49
N LYS B 18 -5.32 -12.24 -12.68
CA LYS B 18 -4.35 -12.09 -11.58
C LYS B 18 -4.95 -11.27 -10.45
N LYS B 19 -5.63 -10.16 -10.78
CA LYS B 19 -6.23 -9.33 -9.76
C LYS B 19 -7.30 -10.09 -8.98
N LEU B 20 -8.11 -10.91 -9.68
CA LEU B 20 -9.13 -11.69 -8.98
C LEU B 20 -8.50 -12.75 -8.09
N ARG B 21 -7.42 -13.38 -8.54
CA ARG B 21 -6.77 -14.38 -7.70
C ARG B 21 -6.14 -13.73 -6.47
N LEU B 22 -5.57 -12.55 -6.62
CA LEU B 22 -5.01 -11.85 -5.47
C LEU B 22 -6.09 -11.41 -4.50
N SER B 23 -7.31 -11.18 -4.98
CA SER B 23 -8.41 -10.71 -4.15
C SER B 23 -9.15 -11.84 -3.44
N THR B 24 -8.89 -13.09 -3.79
CA THR B 24 -9.64 -14.20 -3.22
C THR B 24 -8.75 -15.24 -2.55
F7 CFH C . 3.08 -4.71 -15.17
C1 CFH C . 2.60 -5.47 -14.14
F5 CFH C . 1.27 -5.22 -13.97
F6 CFH C . 2.77 -6.79 -14.43
C2 CFH C . 3.34 -5.14 -12.86
O4 CFH C . 2.85 -5.99 -11.85
C3 CFH C . 3.16 -3.70 -12.38
F10 CFH C . 1.88 -3.51 -11.96
F8 CFH C . 3.45 -2.83 -13.39
F9 CFH C . 4.01 -3.49 -11.34
F7 CFH D . -14.77 -9.70 -6.69
C1 CFH D . -14.02 -9.84 -5.55
F5 CFH D . -12.97 -10.66 -5.80
F6 CFH D . -13.57 -8.61 -5.16
C2 CFH D . -14.89 -10.43 -4.44
O4 CFH D . -14.10 -10.58 -3.30
C3 CFH D . -15.46 -11.80 -4.80
F10 CFH D . -14.48 -12.59 -5.32
F8 CFH D . -16.44 -11.65 -5.74
F9 CFH D . -15.98 -12.38 -3.68
#